data_5WMI
#
_entry.id   5WMI
#
_cell.length_a   117.038
_cell.length_b   67.721
_cell.length_c   51.557
_cell.angle_alpha   90.00
_cell.angle_beta   103.77
_cell.angle_gamma   90.00
#
_symmetry.space_group_name_H-M   'C 1 2 1'
#
loop_
_entity.id
_entity.type
_entity.pdbx_description
1 polymer 'Bifunctional aspartate aminotransferase and glutamate/aspartate-prephenate aminotransferase'
2 non-polymer '2-OXOGLUTARIC ACID'
3 water water
#
_entity_poly.entity_id   1
_entity_poly.type   'polypeptide(L)'
_entity_poly.pdbx_seq_one_letter_code
;MASQSSVAVISSAAARGESFPDSKKPIGSVRFQQPLRLSFSYCKSGNMSSRICAMAKPNDAETLSSSVDMSLSPRVQSLK
PSKVMVITDLAATLVQSGVPVIRLAAGEPDFDTPKVVAEAGINAIREGFTRYTLNAGITELREAICRKLKEENGLSYAPD
QILVSNGAKQSLLQAVLAVCSPGDEVIIPAPYWVSYTEQARLADATPVVIPTKISNNFLLDPKDLESKLTEKSRLLILCS
PSNPTGSVYPKSLLEEIARIIAKHPRLLVLSDEIYEHIIYAPATHTSFASLPDMYERTLTVNGFSKAFAMTGWRLGYLAG
PKHIVAACSKLQGQVSSGASSIAQKAGVAALGLGKAGGETVAEMVKAYRERRDFLVKSLGDIKGVKISEPQGAFYLFIDF
SAYYGSEAEGFGLINDSSSLALYFLDKFQVAMVPGDAFGDDSCIRISYATSLDVLQAAVEKIRKALEPLRATVSV
;
_entity_poly.pdbx_strand_id   A
#
# COMPACT_ATOMS: atom_id res chain seq x y z
N MET A 70 27.49 20.10 11.10
CA MET A 70 27.04 19.16 10.08
C MET A 70 26.12 18.07 10.63
N SER A 71 25.80 18.13 11.92
CA SER A 71 25.07 17.04 12.56
C SER A 71 23.58 17.11 12.27
N LEU A 72 22.91 15.97 12.43
CA LEU A 72 21.47 15.84 12.20
C LEU A 72 20.85 15.05 13.34
N SER A 73 19.53 15.08 13.47
CA SER A 73 18.85 14.36 14.53
C SER A 73 19.04 12.84 14.39
N PRO A 74 19.00 12.11 15.51
CA PRO A 74 19.13 10.65 15.44
C PRO A 74 17.94 9.99 14.76
N ARG A 75 16.76 10.57 14.89
CA ARG A 75 15.56 9.99 14.26
C ARG A 75 15.69 9.98 12.74
N VAL A 76 16.25 11.05 12.18
CA VAL A 76 16.28 11.21 10.72
C VAL A 76 17.49 10.50 10.13
N GLN A 77 18.61 10.50 10.84
CA GLN A 77 19.81 9.91 10.29
C GLN A 77 19.74 8.39 10.30
N SER A 78 18.91 7.83 11.19
CA SER A 78 18.72 6.39 11.25
C SER A 78 17.55 5.98 10.34
N LEU A 79 16.84 6.96 9.83
CA LEU A 79 15.77 6.70 8.86
C LEU A 79 16.34 6.16 7.56
N LYS A 80 15.65 5.17 7.00
CA LYS A 80 16.09 4.53 5.76
C LYS A 80 15.26 5.04 4.58
N PRO A 81 15.95 5.46 3.51
CA PRO A 81 15.26 5.96 2.30
C PRO A 81 14.32 4.92 1.72
N SER A 82 13.15 5.36 1.25
CA SER A 82 12.21 4.45 0.60
C SER A 82 12.78 3.95 -0.73
N LYS A 83 13.15 2.67 -0.79
CA LYS A 83 13.74 2.11 -2.00
C LYS A 83 12.76 2.11 -3.17
N VAL A 84 11.47 2.10 -2.89
CA VAL A 84 10.46 2.22 -3.94
C VAL A 84 10.67 3.54 -4.71
N MET A 85 10.77 4.63 -3.98
CA MET A 85 10.98 5.94 -4.58
C MET A 85 12.38 6.09 -5.20
N VAL A 86 13.38 5.52 -4.55
CA VAL A 86 14.75 5.63 -5.05
C VAL A 86 14.90 5.01 -6.44
N ILE A 87 14.42 3.78 -6.59
CA ILE A 87 14.51 3.06 -7.84
C ILE A 87 13.64 3.71 -8.92
N THR A 88 12.49 4.22 -8.49
CA THR A 88 11.56 4.85 -9.41
C THR A 88 12.19 6.08 -10.02
N ASP A 89 12.77 6.93 -9.17
CA ASP A 89 13.40 8.16 -9.63
C ASP A 89 14.66 7.85 -10.42
N LEU A 90 15.34 6.78 -10.02
CA LEU A 90 16.52 6.34 -10.75
C LEU A 90 16.17 5.93 -12.18
N ALA A 91 15.10 5.15 -12.33
CA ALA A 91 14.65 4.72 -13.65
C ALA A 91 14.16 5.90 -14.47
N ALA A 92 13.46 6.82 -13.83
CA ALA A 92 12.95 8.01 -14.52
C ALA A 92 14.10 8.85 -15.08
N THR A 93 15.09 9.14 -14.23
CA THR A 93 16.24 9.95 -14.63
C THR A 93 17.02 9.26 -15.75
N LEU A 94 17.17 7.95 -15.64
CA LEU A 94 17.81 7.14 -16.67
C LEU A 94 17.07 7.31 -18.00
N VAL A 95 15.74 7.31 -17.92
CA VAL A 95 14.91 7.61 -19.08
C VAL A 95 14.98 9.10 -19.41
N SER A 97 17.76 11.04 -19.09
CA SER A 97 18.73 10.85 -20.16
C SER A 97 18.09 10.30 -21.43
N GLY A 98 18.76 9.33 -22.04
CA GLY A 98 18.24 8.68 -23.23
C GLY A 98 18.42 7.17 -23.14
N VAL A 99 18.15 6.63 -21.96
CA VAL A 99 18.25 5.19 -21.75
C VAL A 99 16.88 4.63 -21.46
N PRO A 100 16.40 3.74 -22.34
CA PRO A 100 15.07 3.12 -22.24
C PRO A 100 15.02 2.04 -21.17
N VAL A 101 14.23 2.27 -20.13
CA VAL A 101 14.11 1.30 -19.04
C VAL A 101 12.66 0.90 -18.86
N ILE A 102 12.42 -0.41 -18.76
CA ILE A 102 11.11 -0.90 -18.36
C ILE A 102 10.89 -0.58 -16.89
N ARG A 103 9.89 0.23 -16.61
CA ARG A 103 9.64 0.72 -15.25
C ARG A 103 8.50 -0.02 -14.54
N LEU A 104 8.89 -0.89 -13.60
CA LEU A 104 7.92 -1.66 -12.84
C LEU A 104 8.22 -1.62 -11.34
N ALA A 105 8.51 -0.43 -10.83
CA ALA A 105 8.83 -0.26 -9.42
C ALA A 105 7.65 0.34 -8.65
N ALA A 106 7.48 1.65 -8.76
CA ALA A 106 6.39 2.34 -8.08
C ALA A 106 5.04 1.91 -8.64
N GLY A 107 4.04 1.85 -7.75
CA GLY A 107 2.70 1.45 -8.15
C GLY A 107 1.81 2.65 -8.41
N GLU A 108 1.82 3.13 -9.66
CA GLU A 108 1.01 4.28 -10.07
C GLU A 108 0.13 3.91 -11.26
N PRO A 109 -1.20 4.01 -11.10
CA PRO A 109 -2.16 3.68 -12.16
C PRO A 109 -1.76 4.33 -13.49
N ASP A 110 -1.81 3.59 -14.58
CA ASP A 110 -1.51 4.17 -15.87
C ASP A 110 -2.79 4.53 -16.59
N PHE A 111 -3.65 5.30 -15.91
CA PHE A 111 -4.86 5.82 -16.53
C PHE A 111 -5.00 7.30 -16.20
N ASP A 112 -5.77 8.02 -17.00
CA ASP A 112 -6.12 9.39 -16.67
C ASP A 112 -7.08 9.39 -15.50
N THR A 113 -7.09 10.47 -14.74
CA THR A 113 -8.17 10.64 -13.77
C THR A 113 -9.48 10.64 -14.57
N PRO A 114 -10.50 9.91 -14.09
CA PRO A 114 -11.80 9.84 -14.77
C PRO A 114 -12.34 11.23 -15.10
N LYS A 115 -12.97 11.34 -16.27
CA LYS A 115 -13.41 12.60 -16.83
C LYS A 115 -14.22 13.48 -15.87
N VAL A 116 -15.20 12.89 -15.20
CA VAL A 116 -16.06 13.69 -14.33
C VAL A 116 -15.31 14.13 -13.08
N VAL A 117 -14.30 13.35 -12.67
CA VAL A 117 -13.50 13.73 -11.52
C VAL A 117 -12.61 14.92 -11.87
N ALA A 118 -11.91 14.81 -12.99
CA ALA A 118 -11.07 15.88 -13.51
C ALA A 118 -11.88 17.16 -13.73
N GLU A 119 -13.10 17.01 -14.26
CA GLU A 119 -13.98 18.14 -14.49
C GLU A 119 -14.37 18.87 -13.20
N ALA A 120 -14.61 18.10 -12.14
CA ALA A 120 -14.94 18.68 -10.83
C ALA A 120 -13.76 19.46 -10.29
N GLY A 121 -12.57 18.99 -10.57
CA GLY A 121 -11.35 19.69 -10.19
C GLY A 121 -11.21 20.99 -10.96
N ILE A 122 -11.52 20.92 -12.25
CA ILE A 122 -11.43 22.13 -13.07
C ILE A 122 -12.49 23.15 -12.61
N ASN A 123 -13.69 22.66 -12.34
CA ASN A 123 -14.81 23.50 -11.90
C ASN A 123 -14.55 24.19 -10.56
N ALA A 124 -13.89 23.47 -9.66
CA ALA A 124 -13.45 24.02 -8.40
C ALA A 124 -12.56 25.24 -8.62
N ILE A 125 -11.57 25.09 -9.48
CA ILE A 125 -10.68 26.22 -9.79
C ILE A 125 -11.46 27.37 -10.43
N ARG A 126 -12.23 27.06 -11.46
CA ARG A 126 -12.93 28.11 -12.18
C ARG A 126 -13.90 28.87 -11.28
N GLU A 127 -14.52 28.17 -10.34
CA GLU A 127 -15.51 28.78 -9.44
C GLU A 127 -14.87 29.39 -8.19
N GLY A 128 -13.54 29.49 -8.20
CA GLY A 128 -12.83 30.18 -7.14
C GLY A 128 -12.83 29.47 -5.81
N PHE A 129 -12.98 28.15 -5.84
CA PHE A 129 -12.92 27.37 -4.60
C PHE A 129 -11.46 27.10 -4.19
N THR A 130 -10.78 28.18 -3.80
CA THR A 130 -9.34 28.19 -3.53
C THR A 130 -9.00 28.89 -2.20
N ARG A 131 -10.02 29.26 -1.42
CA ARG A 131 -9.77 30.00 -0.20
C ARG A 131 -9.86 29.06 0.99
N TYR A 132 -9.91 29.60 2.20
CA TYR A 132 -9.94 28.73 3.37
C TYR A 132 -10.92 27.56 3.35
N THR A 133 -10.46 26.38 3.75
CA THR A 133 -11.37 25.25 3.99
C THR A 133 -11.04 24.64 5.36
N LEU A 134 -12.01 23.94 5.94
CA LEU A 134 -11.79 23.31 7.26
C LEU A 134 -10.59 22.36 7.18
N ASN A 135 -9.69 22.45 8.15
CA ASN A 135 -8.45 21.68 8.09
C ASN A 135 -8.72 20.19 7.97
N ALA A 136 -9.72 19.72 8.71
CA ALA A 136 -10.03 18.29 8.75
C ALA A 136 -10.70 17.78 7.48
N GLY A 137 -11.02 18.68 6.56
CA GLY A 137 -11.74 18.32 5.34
C GLY A 137 -13.10 19.01 5.26
N ILE A 138 -13.50 19.40 4.05
CA ILE A 138 -14.78 20.06 3.88
C ILE A 138 -15.92 19.09 4.21
N THR A 139 -17.00 19.64 4.72
CA THR A 139 -18.12 18.85 5.23
C THR A 139 -18.71 17.96 4.16
N GLU A 140 -18.80 18.50 2.95
CA GLU A 140 -19.36 17.81 1.81
C GLU A 140 -18.59 16.51 1.55
N LEU A 141 -17.27 16.57 1.70
CA LEU A 141 -16.45 15.39 1.42
C LEU A 141 -16.55 14.42 2.59
N ARG A 142 -16.45 14.92 3.81
CA ARG A 142 -16.52 14.02 4.95
C ARG A 142 -17.88 13.32 5.01
N GLU A 143 -18.96 13.99 4.59
CA GLU A 143 -20.27 13.33 4.63
C GLU A 143 -20.34 12.26 3.55
N ALA A 144 -19.76 12.55 2.40
CA ALA A 144 -19.74 11.58 1.31
C ALA A 144 -18.88 10.37 1.70
N ILE A 145 -17.82 10.61 2.44
CA ILE A 145 -16.97 9.51 2.92
C ILE A 145 -17.74 8.62 3.91
N CYS A 146 -18.54 9.22 4.78
CA CYS A 146 -19.36 8.45 5.71
C CYS A 146 -20.36 7.57 4.99
N ARG A 147 -20.93 8.07 3.89
CA ARG A 147 -21.90 7.29 3.13
C ARG A 147 -21.20 6.12 2.44
N LYS A 148 -20.00 6.36 1.92
CA LYS A 148 -19.22 5.29 1.30
C LYS A 148 -18.91 4.18 2.30
N LEU A 149 -18.48 4.58 3.49
CA LEU A 149 -18.08 3.60 4.50
C LEU A 149 -19.26 2.74 4.92
N LYS A 150 -20.46 3.32 4.90
CA LYS A 150 -21.67 2.59 5.27
C LYS A 150 -22.11 1.71 4.11
N GLU A 151 -22.22 2.28 2.92
CA GLU A 151 -22.71 1.54 1.77
C GLU A 151 -21.76 0.41 1.36
N GLU A 152 -20.45 0.68 1.36
CA GLU A 152 -19.47 -0.28 0.85
C GLU A 152 -18.87 -1.18 1.93
N ASN A 153 -18.70 -0.65 3.13
CA ASN A 153 -18.00 -1.38 4.18
C ASN A 153 -18.84 -1.75 5.41
N GLY A 154 -20.07 -1.29 5.47
CA GLY A 154 -20.95 -1.60 6.58
C GLY A 154 -20.61 -0.88 7.88
N LEU A 155 -19.85 0.21 7.76
CA LEU A 155 -19.36 0.96 8.92
C LEU A 155 -20.16 2.23 9.16
N SER A 156 -20.46 2.51 10.43
CA SER A 156 -21.20 3.72 10.82
C SER A 156 -20.29 4.77 11.46
N TYR A 157 -20.02 5.84 10.75
CA TYR A 157 -19.21 6.93 11.28
C TYR A 157 -19.94 8.27 11.17
N ALA A 158 -19.72 9.16 12.13
CA ALA A 158 -20.17 10.53 12.02
C ALA A 158 -19.13 11.33 11.22
N PRO A 159 -19.53 12.44 10.59
CA PRO A 159 -18.56 13.23 9.82
C PRO A 159 -17.36 13.71 10.62
N ASP A 160 -17.49 13.87 11.94
CA ASP A 160 -16.34 14.33 12.74
C ASP A 160 -15.51 13.14 13.21
N GLN A 161 -15.85 11.95 12.71
CA GLN A 161 -14.97 10.81 12.87
C GLN A 161 -14.10 10.59 11.63
N ILE A 162 -14.19 11.52 10.67
CA ILE A 162 -13.39 11.43 9.44
C ILE A 162 -12.32 12.53 9.43
N LEU A 163 -11.09 12.18 9.09
CA LEU A 163 -10.04 13.19 8.98
C LEU A 163 -9.41 13.08 7.60
N VAL A 164 -9.55 14.13 6.79
CA VAL A 164 -9.09 14.14 5.42
C VAL A 164 -7.68 14.71 5.40
N SER A 165 -6.76 14.00 4.74
CA SER A 165 -5.36 14.40 4.67
C SER A 165 -4.85 14.44 3.22
N ASN A 166 -3.63 14.94 3.03
CA ASN A 166 -2.95 14.90 1.73
C ASN A 166 -2.33 13.54 1.47
N GLY A 167 -3.15 12.54 1.21
CA GLY A 167 -2.64 11.21 0.96
C GLY A 167 -2.58 10.33 2.18
N ALA A 168 -2.56 9.02 1.94
CA ALA A 168 -2.67 8.04 3.01
C ALA A 168 -1.40 7.92 3.84
N LYS A 169 -0.28 8.39 3.32
CA LYS A 169 0.98 8.31 4.05
C LYS A 169 0.93 9.20 5.27
N GLN A 170 0.42 10.41 5.07
CA GLN A 170 0.19 11.35 6.16
C GLN A 170 -0.88 10.85 7.15
N SER A 171 -1.96 10.27 6.63
CA SER A 171 -2.99 9.68 7.48
C SER A 171 -2.41 8.67 8.47
N LEU A 172 -1.58 7.77 7.95
CA LEU A 172 -0.98 6.71 8.74
C LEU A 172 -0.02 7.25 9.78
N LEU A 173 0.79 8.21 9.38
CA LEU A 173 1.74 8.82 10.30
C LEU A 173 1.04 9.46 11.48
N GLN A 174 0.04 10.28 11.21
CA GLN A 174 -0.64 10.97 12.30
C GLN A 174 -1.30 9.96 13.23
N ALA A 175 -1.82 8.87 12.67
CA ALA A 175 -2.49 7.86 13.46
C ALA A 175 -1.48 7.21 14.39
N VAL A 176 -0.32 6.88 13.85
CA VAL A 176 0.74 6.28 14.64
C VAL A 176 1.23 7.23 15.73
N LEU A 177 1.53 8.47 15.36
CA LEU A 177 1.98 9.43 16.38
C LEU A 177 0.95 9.64 17.48
N ALA A 178 -0.33 9.47 17.15
CA ALA A 178 -1.41 9.77 18.11
C ALA A 178 -1.58 8.69 19.18
N VAL A 179 -1.40 7.43 18.79
CA VAL A 179 -1.70 6.30 19.65
C VAL A 179 -0.47 5.57 20.21
N CYS A 180 0.70 5.81 19.65
CA CYS A 180 1.90 5.10 20.09
C CYS A 180 2.76 5.94 21.02
N SER A 181 2.92 5.45 22.25
CA SER A 181 3.81 6.08 23.21
C SER A 181 5.23 5.52 23.05
N PRO A 182 6.24 6.23 23.56
CA PRO A 182 7.60 5.70 23.41
C PRO A 182 7.75 4.32 24.07
N GLY A 183 8.27 3.36 23.32
CA GLY A 183 8.43 2.01 23.83
C GLY A 183 7.34 1.05 23.39
N ASP A 184 6.17 1.59 23.04
CA ASP A 184 5.09 0.77 22.49
C ASP A 184 5.59 -0.02 21.28
N GLU A 185 5.01 -1.19 21.06
CA GLU A 185 5.39 -2.06 19.95
C GLU A 185 4.34 -2.03 18.85
N VAL A 186 4.80 -1.82 17.62
CA VAL A 186 3.90 -1.84 16.48
C VAL A 186 4.12 -3.14 15.73
N ILE A 187 3.08 -3.98 15.69
CA ILE A 187 3.18 -5.28 15.05
C ILE A 187 2.93 -5.16 13.55
N ILE A 188 3.95 -5.51 12.77
CA ILE A 188 3.92 -5.33 11.32
C ILE A 188 4.20 -6.63 10.58
N PRO A 189 3.17 -7.23 9.97
CA PRO A 189 3.43 -8.47 9.25
C PRO A 189 4.28 -8.20 8.01
N ALA A 190 5.22 -9.09 7.72
CA ALA A 190 6.03 -9.00 6.50
C ALA A 190 5.50 -9.99 5.47
N PRO A 191 5.69 -9.69 4.17
CA PRO A 191 6.27 -8.48 3.57
C PRO A 191 5.38 -7.29 3.87
N TYR A 192 5.97 -6.13 4.11
CA TYR A 192 5.17 -4.97 4.47
C TYR A 192 5.45 -3.80 3.55
N TRP A 193 4.50 -2.88 3.49
CA TRP A 193 4.74 -1.62 2.80
C TRP A 193 5.87 -0.88 3.51
N VAL A 194 6.74 -0.23 2.73
CA VAL A 194 8.04 0.21 3.24
C VAL A 194 7.95 1.22 4.38
N SER A 195 6.86 1.98 4.42
CA SER A 195 6.77 3.08 5.38
C SER A 195 6.32 2.67 6.78
N TYR A 196 5.79 1.47 6.93
CA TYR A 196 5.21 1.08 8.22
C TYR A 196 6.28 1.07 9.32
N THR A 197 7.41 0.43 9.04
CA THR A 197 8.47 0.35 10.04
C THR A 197 9.05 1.74 10.35
N GLU A 198 9.20 2.56 9.32
CA GLU A 198 9.89 3.84 9.49
C GLU A 198 9.00 4.82 10.24
N GLN A 199 7.70 4.77 9.94
CA GLN A 199 6.73 5.60 10.64
C GLN A 199 6.67 5.21 12.11
N ALA A 200 6.82 3.92 12.38
CA ALA A 200 6.85 3.43 13.76
C ALA A 200 8.05 4.01 14.51
N ARG A 201 9.22 3.96 13.89
CA ARG A 201 10.43 4.49 14.50
C ARG A 201 10.29 6.00 14.78
N LEU A 202 9.61 6.71 13.89
CA LEU A 202 9.40 8.15 14.05
C LEU A 202 8.61 8.49 15.31
N ALA A 203 7.78 7.57 15.76
CA ALA A 203 6.99 7.79 16.97
C ALA A 203 7.70 7.25 18.20
N ASP A 204 8.97 6.87 18.04
CA ASP A 204 9.76 6.24 19.12
C ASP A 204 9.18 4.91 19.53
N ALA A 205 8.40 4.31 18.63
CA ALA A 205 7.83 3.00 18.84
C ALA A 205 8.75 1.93 18.26
N THR A 206 8.57 0.68 18.69
CA THR A 206 9.41 -0.41 18.25
C THR A 206 8.68 -1.33 17.27
N PRO A 207 9.15 -1.38 16.01
CA PRO A 207 8.65 -2.32 14.99
C PRO A 207 8.76 -3.77 15.44
N VAL A 208 7.66 -4.50 15.44
CA VAL A 208 7.73 -5.94 15.69
C VAL A 208 7.28 -6.65 14.43
N VAL A 209 8.24 -7.12 13.64
CA VAL A 209 7.95 -7.71 12.35
C VAL A 209 7.62 -9.19 12.48
N ILE A 210 6.53 -9.62 11.86
CA ILE A 210 6.21 -11.04 11.81
C ILE A 210 6.30 -11.57 10.37
N PRO A 211 7.33 -12.38 10.09
CA PRO A 211 7.43 -12.96 8.74
C PRO A 211 6.20 -13.79 8.38
N THR A 212 5.80 -13.74 7.11
CA THR A 212 4.78 -14.66 6.61
C THR A 212 5.43 -15.54 5.53
N LYS A 213 4.72 -16.58 5.09
CA LYS A 213 5.28 -17.55 4.14
C LYS A 213 4.54 -17.52 2.82
N ILE A 214 5.25 -17.78 1.73
CA ILE A 214 4.65 -17.69 0.41
C ILE A 214 3.68 -18.86 0.19
N SER A 215 3.89 -19.95 0.90
CA SER A 215 2.99 -21.10 0.80
C SER A 215 1.65 -20.80 1.46
N ASN A 216 1.60 -19.68 2.18
CA ASN A 216 0.39 -19.28 2.89
C ASN A 216 -0.13 -17.94 2.40
N ASN A 217 0.11 -17.65 1.13
CA ASN A 217 -0.28 -16.38 0.50
C ASN A 217 0.18 -15.16 1.27
N PHE A 218 1.34 -15.29 1.93
CA PHE A 218 1.90 -14.20 2.72
C PHE A 218 0.87 -13.64 3.70
N LEU A 219 0.07 -14.55 4.28
CA LEU A 219 -0.94 -14.14 5.28
C LEU A 219 -0.43 -14.42 6.68
N LEU A 220 -0.80 -13.55 7.60
CA LEU A 220 -0.42 -13.67 8.99
C LEU A 220 -0.93 -14.97 9.61
N ASP A 221 -0.05 -15.69 10.30
CA ASP A 221 -0.46 -16.86 11.08
C ASP A 221 -0.75 -16.41 12.50
N PRO A 222 -2.01 -16.59 12.95
CA PRO A 222 -2.46 -16.23 14.30
C PRO A 222 -1.52 -16.69 15.41
N LYS A 223 -1.04 -17.93 15.33
CA LYS A 223 -0.12 -18.46 16.33
C LYS A 223 1.14 -17.58 16.45
N ASP A 224 1.59 -17.05 15.32
CA ASP A 224 2.78 -16.20 15.32
C ASP A 224 2.43 -14.85 15.95
N LEU A 225 1.23 -14.37 15.67
CA LEU A 225 0.74 -13.14 16.29
C LEU A 225 0.72 -13.27 17.81
N GLU A 226 0.09 -14.32 18.31
CA GLU A 226 -0.03 -14.54 19.74
C GLU A 226 1.32 -14.57 20.44
N SER A 227 2.25 -15.35 19.90
CA SER A 227 3.56 -15.51 20.51
C SER A 227 4.31 -14.18 20.65
N LYS A 228 4.07 -13.28 19.71
CA LYS A 228 4.82 -12.03 19.70
C LYS A 228 4.15 -10.92 20.51
N LEU A 229 2.94 -11.17 21.00
CA LEU A 229 2.23 -10.17 21.79
C LEU A 229 2.85 -10.01 23.17
N THR A 230 3.09 -8.77 23.56
CA THR A 230 3.56 -8.45 24.90
C THR A 230 2.66 -7.39 25.50
N GLU A 231 3.02 -6.92 26.69
CA GLU A 231 2.25 -5.85 27.31
C GLU A 231 2.50 -4.52 26.62
N LYS A 232 3.60 -4.44 25.89
CA LYS A 232 3.94 -3.23 25.15
C LYS A 232 3.26 -3.16 23.78
N SER A 233 2.53 -4.21 23.42
CA SER A 233 1.86 -4.27 22.12
C SER A 233 0.75 -3.23 22.03
N ARG A 234 0.81 -2.36 21.02
CA ARG A 234 -0.09 -1.22 20.95
C ARG A 234 -0.83 -1.11 19.62
N LEU A 235 -0.16 -1.49 18.54
CA LEU A 235 -0.76 -1.32 17.22
C LEU A 235 -0.41 -2.45 16.26
N LEU A 236 -1.43 -3.03 15.65
CA LEU A 236 -1.26 -4.05 14.62
C LEU A 236 -1.68 -3.45 13.29
N ILE A 237 -0.82 -3.63 12.29
CA ILE A 237 -1.08 -3.02 10.99
C ILE A 237 -1.52 -4.08 10.00
N LEU A 238 -2.73 -3.89 9.48
CA LEU A 238 -3.32 -4.83 8.52
C LEU A 238 -3.58 -4.19 7.17
N CYS A 239 -2.73 -4.52 6.19
CA CYS A 239 -2.88 -4.00 4.83
C CYS A 239 -3.58 -5.02 3.96
N SER A 240 -4.83 -4.74 3.59
CA SER A 240 -5.56 -5.65 2.70
C SER A 240 -6.47 -4.86 1.73
N PRO A 241 -6.39 -5.17 0.41
CA PRO A 241 -5.37 -5.98 -0.27
C PRO A 241 -3.97 -5.44 -0.08
N SER A 242 -3.00 -6.34 0.02
CA SER A 242 -1.66 -5.97 0.45
C SER A 242 -0.83 -5.26 -0.61
N ASN A 243 -0.06 -4.29 -0.15
CA ASN A 243 1.15 -3.85 -0.84
C ASN A 243 2.28 -4.38 0.06
N PRO A 244 3.18 -5.23 -0.45
CA PRO A 244 3.52 -5.59 -1.84
C PRO A 244 3.00 -6.92 -2.38
N THR A 245 2.22 -7.69 -1.62
CA THR A 245 2.00 -9.08 -2.04
C THR A 245 0.75 -9.29 -2.86
N GLY A 246 -0.19 -8.36 -2.73
CA GLY A 246 -1.48 -8.48 -3.40
C GLY A 246 -2.42 -9.48 -2.73
N SER A 247 -2.09 -9.90 -1.52
CA SER A 247 -2.92 -10.87 -0.83
C SER A 247 -4.13 -10.16 -0.21
N VAL A 248 -5.21 -10.91 0.00
CA VAL A 248 -6.44 -10.42 0.56
C VAL A 248 -6.85 -11.26 1.76
N TYR A 249 -6.96 -10.65 2.93
CA TYR A 249 -7.33 -11.38 4.14
C TYR A 249 -8.77 -11.85 4.05
N PRO A 250 -8.99 -13.18 4.09
CA PRO A 250 -10.37 -13.69 4.22
C PRO A 250 -10.99 -13.34 5.56
N LYS A 251 -12.32 -13.29 5.60
CA LYS A 251 -13.05 -12.99 6.81
C LYS A 251 -12.71 -13.98 7.93
N SER A 252 -12.59 -15.24 7.57
CA SER A 252 -12.20 -16.31 8.50
C SER A 252 -10.98 -15.95 9.34
N LEU A 253 -9.94 -15.44 8.67
CA LEU A 253 -8.66 -15.17 9.31
C LEU A 253 -8.75 -13.89 10.14
N LEU A 254 -9.41 -12.88 9.59
CA LEU A 254 -9.65 -11.64 10.32
C LEU A 254 -10.39 -11.91 11.62
N GLU A 255 -11.35 -12.84 11.58
CA GLU A 255 -12.11 -13.17 12.78
C GLU A 255 -11.24 -13.77 13.89
N GLU A 256 -10.31 -14.64 13.51
CA GLU A 256 -9.42 -15.28 14.46
C GLU A 256 -8.48 -14.23 15.07
N ILE A 257 -7.94 -13.37 14.21
CA ILE A 257 -7.10 -12.26 14.66
C ILE A 257 -7.88 -11.37 15.62
N ALA A 258 -9.11 -11.06 15.27
CA ALA A 258 -10.01 -10.26 16.12
C ALA A 258 -10.15 -10.83 17.53
N ARG A 259 -10.34 -12.14 17.63
CA ARG A 259 -10.57 -12.74 18.95
C ARG A 259 -9.31 -12.65 19.80
N ILE A 260 -8.16 -12.71 19.13
CA ILE A 260 -6.87 -12.46 19.79
C ILE A 260 -6.78 -11.00 20.26
N ILE A 261 -7.10 -10.07 19.36
CA ILE A 261 -7.05 -8.65 19.68
C ILE A 261 -7.91 -8.35 20.91
N ALA A 262 -9.09 -8.96 20.95
CA ALA A 262 -10.09 -8.66 21.97
C ALA A 262 -9.60 -8.96 23.39
N LYS A 263 -8.59 -9.81 23.52
CA LYS A 263 -8.10 -10.19 24.84
C LYS A 263 -6.92 -9.34 25.29
N HIS A 264 -6.68 -8.24 24.57
CA HIS A 264 -5.59 -7.32 24.89
C HIS A 264 -6.08 -5.88 24.83
N PRO A 265 -6.58 -5.36 25.97
CA PRO A 265 -7.26 -4.06 26.08
C PRO A 265 -6.54 -2.90 25.42
N ARG A 266 -5.21 -2.94 25.39
CA ARG A 266 -4.44 -1.82 24.88
C ARG A 266 -4.19 -1.88 23.37
N LEU A 267 -4.47 -3.01 22.74
CA LEU A 267 -4.06 -3.21 21.36
C LEU A 267 -5.08 -2.64 20.37
N LEU A 268 -4.59 -1.76 19.49
CA LEU A 268 -5.39 -1.15 18.44
C LEU A 268 -4.99 -1.75 17.09
N VAL A 269 -5.83 -1.57 16.08
CA VAL A 269 -5.54 -2.11 14.75
C VAL A 269 -5.64 -1.02 13.68
N LEU A 270 -4.61 -0.93 12.85
CA LEU A 270 -4.63 0.01 11.73
C LEU A 270 -4.97 -0.77 10.48
N SER A 271 -6.12 -0.47 9.87
CA SER A 271 -6.59 -1.24 8.73
C SER A 271 -6.42 -0.42 7.47
N ASP A 272 -5.38 -0.75 6.70
CA ASP A 272 -5.04 -0.01 5.48
C ASP A 272 -5.76 -0.61 4.29
N GLU A 273 -6.81 0.05 3.86
CA GLU A 273 -7.68 -0.52 2.85
C GLU A 273 -7.64 0.25 1.54
N ILE A 274 -6.54 0.95 1.29
CA ILE A 274 -6.40 1.78 0.09
C ILE A 274 -6.61 1.02 -1.25
N TYR A 275 -6.25 -0.25 -1.31
CA TYR A 275 -6.41 -1.04 -2.56
C TYR A 275 -7.74 -1.79 -2.61
N GLU A 276 -8.66 -1.43 -1.71
CA GLU A 276 -9.95 -2.13 -1.58
C GLU A 276 -10.69 -2.50 -2.88
N HIS A 277 -10.74 -1.59 -3.84
CA HIS A 277 -11.55 -1.83 -5.05
C HIS A 277 -10.73 -2.51 -6.13
N ILE A 278 -9.42 -2.58 -5.93
CA ILE A 278 -8.58 -3.32 -6.86
C ILE A 278 -8.56 -4.73 -6.33
N ILE A 279 -9.57 -5.50 -6.71
CA ILE A 279 -9.76 -6.82 -6.15
C ILE A 279 -10.35 -7.73 -7.21
N TYR A 280 -9.90 -8.98 -7.21
CA TYR A 280 -10.25 -9.93 -8.25
C TYR A 280 -11.08 -11.06 -7.67
N ALA A 281 -12.27 -11.27 -8.23
CA ALA A 281 -13.14 -12.33 -7.77
C ALA A 281 -12.38 -13.65 -7.84
N PRO A 282 -12.63 -14.57 -6.89
CA PRO A 282 -13.69 -14.61 -5.88
C PRO A 282 -13.36 -13.91 -4.56
N ALA A 283 -12.19 -13.27 -4.48
CA ALA A 283 -11.79 -12.59 -3.25
C ALA A 283 -12.76 -11.45 -2.94
N THR A 284 -12.99 -11.21 -1.65
CA THR A 284 -13.80 -10.07 -1.22
C THR A 284 -13.09 -9.30 -0.12
N HIS A 285 -13.34 -8.01 -0.08
CA HIS A 285 -12.74 -7.15 0.92
C HIS A 285 -13.60 -7.06 2.18
N THR A 286 -12.99 -7.35 3.33
CA THR A 286 -13.68 -7.24 4.61
C THR A 286 -12.99 -6.20 5.48
N SER A 287 -13.70 -5.12 5.79
CA SER A 287 -13.16 -4.07 6.65
C SER A 287 -13.00 -4.60 8.07
N PHE A 288 -11.83 -4.38 8.66
CA PHE A 288 -11.59 -4.95 9.98
C PHE A 288 -12.49 -4.29 11.04
N ALA A 289 -12.90 -3.04 10.83
CA ALA A 289 -13.76 -2.37 11.80
C ALA A 289 -15.15 -3.01 11.87
N SER A 290 -15.46 -3.92 10.96
CA SER A 290 -16.79 -4.52 10.88
C SER A 290 -16.93 -5.78 11.73
N LEU A 291 -15.81 -6.32 12.19
CA LEU A 291 -15.80 -7.55 12.98
C LEU A 291 -16.28 -7.29 14.41
N PRO A 292 -16.76 -8.33 15.09
CA PRO A 292 -17.28 -8.17 16.46
C PRO A 292 -16.29 -7.49 17.41
N ASP A 293 -16.78 -6.45 18.10
CA ASP A 293 -16.02 -5.71 19.10
C ASP A 293 -14.80 -4.97 18.54
N MET A 294 -14.67 -4.89 17.22
CA MET A 294 -13.47 -4.29 16.65
C MET A 294 -13.64 -2.83 16.24
N TYR A 295 -14.88 -2.36 16.15
CA TYR A 295 -15.12 -0.98 15.72
C TYR A 295 -14.36 0.00 16.61
N GLU A 296 -14.36 -0.26 17.91
CA GLU A 296 -13.72 0.62 18.88
C GLU A 296 -12.19 0.50 18.87
N ARG A 297 -11.67 -0.51 18.17
CA ARG A 297 -10.24 -0.78 18.18
C ARG A 297 -9.56 -0.40 16.88
N THR A 298 -10.35 -0.01 15.87
CA THR A 298 -9.81 0.07 14.53
C THR A 298 -9.74 1.48 13.96
N LEU A 299 -8.56 1.79 13.41
CA LEU A 299 -8.33 2.97 12.62
C LEU A 299 -8.35 2.54 11.15
N THR A 300 -9.30 3.06 10.39
CA THR A 300 -9.46 2.70 9.00
C THR A 300 -8.84 3.76 8.10
N VAL A 301 -7.89 3.33 7.29
CA VAL A 301 -7.24 4.27 6.40
C VAL A 301 -7.60 3.89 4.97
N ASN A 302 -7.97 4.89 4.19
CA ASN A 302 -8.38 4.65 2.82
C ASN A 302 -8.07 5.91 2.02
N GLY A 303 -8.43 5.89 0.74
CA GLY A 303 -8.07 7.00 -0.11
C GLY A 303 -8.61 6.88 -1.51
N PHE A 304 -8.04 7.68 -2.41
CA PHE A 304 -8.58 7.85 -3.75
C PHE A 304 -7.58 7.54 -4.88
N SER A 305 -6.28 7.61 -4.57
CA SER A 305 -5.28 7.68 -5.63
C SER A 305 -5.19 6.39 -6.43
N LYS A 306 -5.35 5.24 -5.76
CA LYS A 306 -5.14 3.97 -6.46
C LYS A 306 -6.38 3.58 -7.25
N ALA A 307 -7.54 3.69 -6.62
CA ALA A 307 -8.77 3.27 -7.28
C ALA A 307 -9.19 4.22 -8.39
N PHE A 308 -8.92 5.51 -8.23
CA PHE A 308 -9.46 6.51 -9.14
C PHE A 308 -8.37 7.17 -9.97
N ALA A 309 -7.17 6.62 -9.92
CA ALA A 309 -6.06 7.14 -10.73
C ALA A 309 -5.84 8.63 -10.43
N MET A 310 -5.74 8.96 -9.14
CA MET A 310 -5.60 10.34 -8.68
C MET A 310 -4.26 10.56 -7.98
N THR A 311 -3.22 9.93 -8.51
CA THR A 311 -1.87 9.98 -7.95
C THR A 311 -1.37 11.39 -7.68
N GLY A 312 -1.61 12.31 -8.59
CA GLY A 312 -1.14 13.67 -8.42
C GLY A 312 -2.06 14.58 -7.60
N TRP A 313 -3.24 14.07 -7.23
CA TRP A 313 -4.19 14.85 -6.44
C TRP A 313 -3.86 14.79 -4.96
N ARG A 314 -3.53 13.59 -4.47
CA ARG A 314 -3.19 13.41 -3.06
C ARG A 314 -4.40 13.65 -2.17
N LEU A 315 -5.17 12.58 -1.94
CA LEU A 315 -6.35 12.67 -1.09
C LEU A 315 -6.57 11.38 -0.31
N GLY A 316 -6.24 11.41 0.98
CA GLY A 316 -6.39 10.24 1.83
C GLY A 316 -7.30 10.57 3.02
N TYR A 317 -7.81 9.54 3.69
CA TYR A 317 -8.56 9.80 4.91
C TYR A 317 -8.42 8.68 5.95
N LEU A 318 -8.76 9.05 7.18
CA LEU A 318 -8.79 8.18 8.34
C LEU A 318 -10.20 8.17 8.91
N ALA A 319 -10.70 6.99 9.27
CA ALA A 319 -11.94 6.87 10.04
C ALA A 319 -11.69 6.01 11.28
N GLY A 320 -12.23 6.41 12.42
CA GLY A 320 -11.97 5.70 13.66
C GLY A 320 -12.76 6.24 14.84
N PRO A 321 -12.45 5.76 16.06
CA PRO A 321 -13.12 6.22 17.28
C PRO A 321 -12.96 7.72 17.46
N LYS A 322 -13.99 8.38 17.97
CA LYS A 322 -13.97 9.83 18.10
C LYS A 322 -12.74 10.37 18.81
N HIS A 323 -12.39 9.79 19.96
CA HIS A 323 -11.29 10.32 20.75
C HIS A 323 -9.96 10.24 20.00
N ILE A 324 -9.77 9.19 19.21
CA ILE A 324 -8.54 9.08 18.46
C ILE A 324 -8.54 10.05 17.28
N VAL A 325 -9.65 10.09 16.56
CA VAL A 325 -9.71 10.95 15.39
C VAL A 325 -9.54 12.42 15.79
N ALA A 326 -10.14 12.80 16.92
CA ALA A 326 -10.03 14.16 17.43
C ALA A 326 -8.57 14.52 17.73
N ALA A 327 -7.83 13.58 18.31
CA ALA A 327 -6.40 13.82 18.55
C ALA A 327 -5.57 13.88 17.25
N CYS A 328 -5.93 13.09 16.23
CA CYS A 328 -5.22 13.18 14.96
C CYS A 328 -5.51 14.52 14.29
N SER A 329 -6.74 15.00 14.45
CA SER A 329 -7.16 16.25 13.83
C SER A 329 -6.45 17.43 14.46
N LYS A 330 -6.28 17.35 15.77
CA LYS A 330 -5.53 18.37 16.50
C LYS A 330 -4.08 18.42 16.00
N LEU A 331 -3.46 17.24 15.90
CA LEU A 331 -2.11 17.13 15.39
C LEU A 331 -1.99 17.67 13.97
N GLN A 332 -2.91 17.26 13.09
CA GLN A 332 -2.86 17.69 11.70
C GLN A 332 -2.91 19.21 11.61
N GLY A 333 -3.77 19.82 12.44
CA GLY A 333 -3.90 21.26 12.52
C GLY A 333 -2.61 22.02 12.84
N GLN A 334 -1.68 21.36 13.54
CA GLN A 334 -0.42 22.00 13.84
C GLN A 334 0.70 21.65 12.85
N VAL A 335 0.56 20.58 12.07
CA VAL A 335 1.65 20.19 11.17
C VAL A 335 1.32 20.17 9.67
N SER A 336 0.05 20.35 9.33
CA SER A 336 -0.36 20.32 7.93
C SER A 336 -1.49 21.30 7.66
N SER A 337 -1.70 21.62 6.39
CA SER A 337 -2.82 22.48 6.03
C SER A 337 -4.02 21.65 5.55
N GLY A 338 -3.81 20.34 5.43
CA GLY A 338 -4.87 19.46 4.97
C GLY A 338 -4.82 19.31 3.47
N ALA A 339 -5.74 18.54 2.90
CA ALA A 339 -5.79 18.32 1.46
C ALA A 339 -6.17 19.60 0.71
N SER A 340 -5.74 19.72 -0.54
CA SER A 340 -6.11 20.91 -1.30
C SER A 340 -7.63 20.96 -1.46
N SER A 341 -8.17 22.17 -1.53
CA SER A 341 -9.61 22.35 -1.71
C SER A 341 -10.04 21.80 -3.07
N ILE A 342 -9.18 21.98 -4.07
CA ILE A 342 -9.43 21.48 -5.41
C ILE A 342 -9.52 19.95 -5.41
N ALA A 343 -8.61 19.29 -4.70
CA ALA A 343 -8.63 17.83 -4.67
C ALA A 343 -9.88 17.33 -3.93
N GLN A 344 -10.26 18.04 -2.89
CA GLN A 344 -11.42 17.60 -2.13
C GLN A 344 -12.69 17.63 -2.98
N LYS A 345 -12.85 18.66 -3.80
CA LYS A 345 -13.99 18.69 -4.71
C LYS A 345 -13.91 17.52 -5.70
N ALA A 346 -12.70 17.17 -6.12
CA ALA A 346 -12.57 16.05 -7.05
C ALA A 346 -12.98 14.75 -6.35
N GLY A 347 -12.61 14.61 -5.07
CA GLY A 347 -12.97 13.43 -4.30
C GLY A 347 -14.48 13.25 -4.13
N VAL A 348 -15.19 14.36 -3.93
CA VAL A 348 -16.65 14.35 -3.87
C VAL A 348 -17.22 13.76 -5.16
N ALA A 349 -16.72 14.22 -6.30
CA ALA A 349 -17.22 13.69 -7.56
C ALA A 349 -16.84 12.22 -7.72
N ALA A 350 -15.65 11.84 -7.28
CA ALA A 350 -15.22 10.43 -7.34
C ALA A 350 -16.19 9.55 -6.54
N LEU A 351 -16.58 10.00 -5.34
CA LEU A 351 -17.51 9.22 -4.53
C LEU A 351 -18.90 9.23 -5.17
N GLY A 352 -19.15 10.20 -6.03
CA GLY A 352 -20.42 10.32 -6.70
C GLY A 352 -20.60 9.38 -7.85
N LEU A 353 -19.51 8.73 -8.27
CA LEU A 353 -19.51 7.73 -9.33
C LEU A 353 -20.31 6.48 -8.97
N GLY A 354 -20.60 6.30 -7.68
CA GLY A 354 -21.40 5.18 -7.24
C GLY A 354 -20.65 4.15 -6.43
N LYS A 355 -21.34 3.07 -6.07
CA LYS A 355 -20.73 1.98 -5.31
C LYS A 355 -19.51 1.47 -6.05
N ALA A 356 -18.40 1.36 -5.33
CA ALA A 356 -17.14 0.85 -5.84
C ALA A 356 -16.59 1.60 -7.05
N GLY A 357 -17.05 2.82 -7.28
CA GLY A 357 -16.53 3.61 -8.39
C GLY A 357 -17.22 3.27 -9.70
N GLY A 358 -18.20 2.37 -9.63
CA GLY A 358 -19.04 2.07 -10.78
C GLY A 358 -18.27 1.48 -11.94
N GLU A 359 -18.77 1.73 -13.16
CA GLU A 359 -18.18 1.17 -14.36
C GLU A 359 -16.79 1.75 -14.62
N THR A 360 -16.59 3.00 -14.20
CA THR A 360 -15.31 3.68 -14.30
C THR A 360 -14.19 2.82 -13.72
N VAL A 361 -14.35 2.47 -12.45
CA VAL A 361 -13.34 1.71 -11.74
C VAL A 361 -13.32 0.24 -12.21
N ALA A 362 -14.49 -0.28 -12.59
CA ALA A 362 -14.59 -1.65 -13.07
C ALA A 362 -13.75 -1.88 -14.32
N GLU A 363 -13.72 -0.89 -15.21
CA GLU A 363 -12.95 -1.01 -16.44
C GLU A 363 -11.48 -1.12 -16.11
N MET A 364 -11.04 -0.31 -15.15
CA MET A 364 -9.64 -0.32 -14.71
C MET A 364 -9.27 -1.63 -14.04
N VAL A 365 -10.14 -2.13 -13.17
CA VAL A 365 -9.89 -3.42 -12.51
C VAL A 365 -9.76 -4.54 -13.53
N LYS A 366 -10.57 -4.46 -14.59
CA LYS A 366 -10.57 -5.47 -15.64
C LYS A 366 -9.23 -5.48 -16.39
N ALA A 367 -8.62 -4.31 -16.55
CA ALA A 367 -7.31 -4.22 -17.16
C ALA A 367 -6.23 -4.78 -16.24
N TYR A 368 -6.28 -4.40 -14.97
CA TYR A 368 -5.33 -4.94 -13.99
C TYR A 368 -5.40 -6.47 -13.95
N ARG A 369 -6.62 -7.00 -14.01
CA ARG A 369 -6.83 -8.44 -13.89
C ARG A 369 -6.23 -9.19 -15.08
N GLU A 370 -6.34 -8.59 -16.25
CA GLU A 370 -5.76 -9.13 -17.46
C GLU A 370 -4.24 -9.09 -17.40
N ARG A 371 -3.70 -8.05 -16.76
CA ARG A 371 -2.26 -7.94 -16.63
C ARG A 371 -1.75 -8.94 -15.63
N ARG A 372 -2.44 -9.07 -14.51
CA ARG A 372 -2.12 -10.10 -13.52
C ARG A 372 -2.02 -11.49 -14.15
N ASP A 373 -3.05 -11.90 -14.89
CA ASP A 373 -3.11 -13.25 -15.44
C ASP A 373 -1.97 -13.50 -16.44
N PHE A 374 -1.63 -12.48 -17.22
CA PHE A 374 -0.54 -12.61 -18.17
C PHE A 374 0.79 -12.89 -17.46
N LEU A 375 1.10 -12.09 -16.45
CA LEU A 375 2.35 -12.25 -15.71
C LEU A 375 2.41 -13.56 -14.95
N VAL A 376 1.33 -13.88 -14.25
CA VAL A 376 1.30 -15.08 -13.42
C VAL A 376 1.54 -16.34 -14.25
N LYS A 377 0.94 -16.45 -15.41
CA LYS A 377 1.23 -17.60 -16.28
C LYS A 377 2.62 -17.49 -16.92
N SER A 378 2.97 -16.32 -17.43
CA SER A 378 4.28 -16.12 -18.07
C SER A 378 5.45 -16.38 -17.13
N LEU A 379 5.41 -15.82 -15.92
CA LEU A 379 6.53 -15.94 -15.00
C LEU A 379 6.56 -17.26 -14.23
N GLY A 380 5.38 -17.82 -13.97
CA GLY A 380 5.27 -19.03 -13.16
C GLY A 380 5.81 -20.27 -13.83
N ASP A 381 5.90 -20.24 -15.15
CA ASP A 381 6.41 -21.37 -15.93
C ASP A 381 7.91 -21.53 -15.73
N ILE A 382 8.59 -20.40 -15.51
CA ILE A 382 10.03 -20.36 -15.43
C ILE A 382 10.59 -21.14 -14.24
N LYS A 383 11.59 -21.97 -14.52
CA LYS A 383 12.26 -22.77 -13.51
C LYS A 383 12.78 -21.93 -12.33
N GLY A 384 12.56 -22.41 -11.11
CA GLY A 384 13.08 -21.74 -9.94
C GLY A 384 12.38 -20.43 -9.62
N VAL A 385 11.21 -20.23 -10.22
CA VAL A 385 10.43 -19.03 -9.95
C VAL A 385 9.15 -19.43 -9.22
N LYS A 386 8.91 -18.83 -8.06
CA LYS A 386 7.71 -19.18 -7.31
C LYS A 386 6.84 -17.95 -7.18
N ILE A 387 5.54 -18.13 -7.41
CA ILE A 387 4.59 -17.02 -7.40
C ILE A 387 3.35 -17.33 -6.61
N SER A 388 2.89 -16.36 -5.84
CA SER A 388 1.57 -16.40 -5.24
C SER A 388 0.63 -15.54 -6.08
N GLU A 389 -0.36 -16.17 -6.72
CA GLU A 389 -1.37 -15.44 -7.48
C GLU A 389 -2.08 -14.44 -6.57
N PRO A 390 -1.89 -13.14 -6.85
CA PRO A 390 -2.44 -12.10 -5.99
C PRO A 390 -3.97 -12.00 -6.08
N GLN A 391 -4.62 -11.60 -5.00
CA GLN A 391 -6.07 -11.50 -4.98
C GLN A 391 -6.52 -10.05 -5.14
N GLY A 392 -5.58 -9.12 -5.07
CA GLY A 392 -5.90 -7.71 -5.25
C GLY A 392 -4.68 -6.82 -5.37
N ALA A 393 -4.91 -5.50 -5.41
CA ALA A 393 -3.85 -4.51 -5.72
C ALA A 393 -3.31 -4.69 -7.13
N PHE A 394 -2.11 -4.19 -7.41
CA PHE A 394 -1.47 -4.46 -8.71
C PHE A 394 0.04 -4.75 -8.58
N TYR A 395 0.38 -5.60 -7.62
CA TYR A 395 1.75 -6.03 -7.40
C TYR A 395 1.92 -7.55 -7.45
N LEU A 396 3.05 -7.97 -8.00
CA LEU A 396 3.53 -9.34 -7.90
C LEU A 396 4.77 -9.38 -7.01
N PHE A 397 4.73 -10.22 -5.99
CA PHE A 397 5.88 -10.41 -5.12
C PHE A 397 6.53 -11.75 -5.44
N ILE A 398 7.48 -11.73 -6.35
CA ILE A 398 8.00 -12.97 -6.95
C ILE A 398 9.25 -13.53 -6.27
N ASP A 399 9.21 -14.82 -5.95
CA ASP A 399 10.33 -15.52 -5.32
C ASP A 399 11.33 -16.04 -6.38
N PHE A 400 12.42 -15.31 -6.53
CA PHE A 400 13.54 -15.75 -7.38
C PHE A 400 14.67 -16.37 -6.57
N SER A 401 14.49 -16.53 -5.25
CA SER A 401 15.58 -16.93 -4.36
C SER A 401 16.37 -18.17 -4.80
N ALA A 402 15.75 -19.03 -5.59
CA ALA A 402 16.44 -20.23 -6.09
C ALA A 402 17.70 -19.86 -6.88
N TYR A 403 17.70 -18.68 -7.47
CA TYR A 403 18.82 -18.24 -8.30
C TYR A 403 19.96 -17.59 -7.49
N TYR A 404 19.72 -17.35 -6.20
CA TYR A 404 20.76 -16.79 -5.33
C TYR A 404 21.95 -17.73 -5.23
N GLY A 405 23.16 -17.16 -5.22
CA GLY A 405 24.37 -17.94 -5.11
C GLY A 405 25.04 -18.16 -6.44
N SER A 406 24.38 -17.74 -7.52
CA SER A 406 24.93 -17.98 -8.85
C SER A 406 25.65 -16.74 -9.34
N GLU A 407 26.37 -16.87 -10.44
CA GLU A 407 27.19 -15.78 -10.94
C GLU A 407 26.77 -15.42 -12.36
N ALA A 408 26.71 -14.14 -12.67
CA ALA A 408 26.41 -13.69 -14.01
C ALA A 408 27.61 -12.98 -14.59
N GLU A 409 28.20 -13.55 -15.63
CA GLU A 409 29.38 -12.97 -16.25
C GLU A 409 29.13 -11.52 -16.66
N GLY A 410 30.11 -10.67 -16.40
CA GLY A 410 29.98 -9.25 -16.72
C GLY A 410 29.28 -8.44 -15.63
N PHE A 411 28.68 -9.12 -14.67
CA PHE A 411 28.01 -8.44 -13.56
C PHE A 411 28.61 -8.82 -12.20
N GLY A 412 28.67 -10.12 -11.93
CA GLY A 412 29.13 -10.60 -10.64
C GLY A 412 28.12 -11.52 -9.96
N LEU A 413 28.24 -11.63 -8.64
CA LEU A 413 27.42 -12.58 -7.89
C LEU A 413 26.03 -12.04 -7.63
N ILE A 414 25.06 -12.93 -7.71
CA ILE A 414 23.69 -12.64 -7.36
C ILE A 414 23.41 -13.30 -6.01
N ASN A 415 23.47 -12.48 -4.96
CA ASN A 415 23.51 -12.94 -3.56
C ASN A 415 22.19 -12.81 -2.81
N ASP A 416 21.33 -11.91 -3.29
CA ASP A 416 20.12 -11.53 -2.57
C ASP A 416 19.22 -10.72 -3.48
N SER A 417 18.15 -10.12 -2.92
CA SER A 417 17.15 -9.51 -3.78
C SER A 417 17.69 -8.22 -4.35
N SER A 418 18.56 -7.56 -3.60
CA SER A 418 19.10 -6.30 -4.04
C SER A 418 20.08 -6.47 -5.19
N SER A 419 20.97 -7.45 -5.12
CA SER A 419 21.89 -7.66 -6.23
C SER A 419 21.13 -8.19 -7.44
N LEU A 420 20.12 -9.03 -7.22
CA LEU A 420 19.34 -9.54 -8.34
C LEU A 420 18.63 -8.41 -9.06
N ALA A 421 17.98 -7.53 -8.31
CA ALA A 421 17.28 -6.40 -8.90
C ALA A 421 18.27 -5.53 -9.66
N LEU A 422 19.45 -5.32 -9.05
CA LEU A 422 20.44 -4.46 -9.66
C LEU A 422 20.92 -5.06 -10.98
N TYR A 423 20.93 -6.39 -11.04
CA TYR A 423 21.34 -7.12 -12.26
C TYR A 423 20.30 -6.93 -13.37
N PHE A 424 19.04 -7.13 -13.01
CA PHE A 424 17.93 -6.83 -13.92
C PHE A 424 18.02 -5.40 -14.46
N LEU A 425 18.41 -4.46 -13.62
CA LEU A 425 18.37 -3.04 -14.01
C LEU A 425 19.57 -2.69 -14.87
N ASP A 426 20.77 -2.99 -14.38
CA ASP A 426 21.99 -2.67 -15.11
C ASP A 426 22.14 -3.43 -16.42
N LYS A 427 21.83 -4.72 -16.42
CA LYS A 427 22.15 -5.53 -17.59
C LYS A 427 20.98 -5.77 -18.51
N PHE A 428 19.76 -5.52 -18.05
CA PHE A 428 18.58 -5.79 -18.86
C PHE A 428 17.54 -4.68 -18.82
N GLN A 429 17.90 -3.55 -18.20
CA GLN A 429 17.08 -2.33 -18.20
C GLN A 429 15.63 -2.58 -17.80
N VAL A 430 15.45 -3.41 -16.78
CA VAL A 430 14.15 -3.58 -16.15
C VAL A 430 14.24 -3.17 -14.70
N ALA A 431 13.40 -2.23 -14.29
CA ALA A 431 13.47 -1.67 -12.96
C ALA A 431 12.37 -2.26 -12.08
N MET A 432 12.79 -3.03 -11.08
CA MET A 432 11.90 -3.61 -10.08
C MET A 432 12.42 -3.23 -8.70
N VAL A 433 11.69 -3.60 -7.65
CA VAL A 433 12.10 -3.26 -6.29
C VAL A 433 12.39 -4.51 -5.49
N PRO A 434 13.62 -4.61 -4.93
CA PRO A 434 14.03 -5.79 -4.16
C PRO A 434 13.20 -5.99 -2.91
N GLY A 435 12.96 -7.26 -2.57
CA GLY A 435 12.10 -7.59 -1.46
C GLY A 435 12.58 -7.10 -0.12
N ASP A 436 13.89 -6.94 0.04
CA ASP A 436 14.43 -6.51 1.33
C ASP A 436 13.86 -5.17 1.77
N ALA A 437 13.39 -4.37 0.82
CA ALA A 437 12.75 -3.10 1.16
C ALA A 437 11.41 -3.32 1.85
N PHE A 438 10.84 -4.50 1.67
CA PHE A 438 9.56 -4.85 2.27
C PHE A 438 9.74 -5.90 3.37
N GLY A 439 10.99 -6.09 3.80
CA GLY A 439 11.28 -7.02 4.87
C GLY A 439 11.31 -8.49 4.48
N ASP A 440 11.35 -8.77 3.19
CA ASP A 440 11.48 -10.16 2.75
C ASP A 440 12.44 -10.30 1.56
N ASP A 441 13.68 -10.71 1.88
CA ASP A 441 14.77 -10.74 0.91
C ASP A 441 14.65 -11.87 -0.11
N SER A 442 13.65 -12.74 0.06
CA SER A 442 13.48 -13.88 -0.84
C SER A 442 12.81 -13.49 -2.16
N CYS A 443 12.25 -12.29 -2.22
CA CYS A 443 11.42 -11.90 -3.37
C CYS A 443 11.83 -10.59 -4.00
N ILE A 444 11.24 -10.31 -5.16
CA ILE A 444 11.31 -8.98 -5.79
C ILE A 444 9.90 -8.56 -6.21
N ARG A 445 9.57 -7.28 -6.04
CA ARG A 445 8.22 -6.81 -6.36
C ARG A 445 8.14 -6.22 -7.75
N ILE A 446 7.14 -6.64 -8.50
CA ILE A 446 6.80 -6.01 -9.79
C ILE A 446 5.44 -5.31 -9.70
N SER A 447 5.36 -4.07 -10.18
CA SER A 447 4.08 -3.41 -10.37
C SER A 447 3.59 -3.66 -11.78
N TYR A 448 2.34 -4.09 -11.94
CA TYR A 448 1.81 -4.27 -13.28
C TYR A 448 0.72 -3.24 -13.62
N ALA A 449 0.82 -2.03 -13.05
CA ALA A 449 0.02 -0.91 -13.54
C ALA A 449 0.77 -0.29 -14.73
N THR A 450 0.96 -1.10 -15.75
CA THR A 450 1.57 -0.64 -16.98
C THR A 450 0.95 -1.45 -18.11
N SER A 451 1.26 -1.11 -19.36
CA SER A 451 0.60 -1.77 -20.49
C SER A 451 1.00 -3.23 -20.63
N LEU A 452 0.20 -3.98 -21.39
CA LEU A 452 0.45 -5.39 -21.62
C LEU A 452 1.71 -5.61 -22.46
N ASP A 453 2.09 -4.63 -23.26
CA ASP A 453 3.25 -4.79 -24.14
C ASP A 453 4.55 -4.58 -23.40
N VAL A 454 4.53 -3.62 -22.48
CA VAL A 454 5.62 -3.43 -21.55
C VAL A 454 5.84 -4.72 -20.77
N LEU A 455 4.75 -5.28 -20.27
CA LEU A 455 4.82 -6.49 -19.46
C LEU A 455 5.39 -7.66 -20.29
N GLN A 456 5.00 -7.74 -21.55
CA GLN A 456 5.47 -8.79 -22.46
C GLN A 456 6.98 -8.62 -22.68
N ALA A 457 7.41 -7.39 -22.87
CA ALA A 457 8.84 -7.09 -23.04
C ALA A 457 9.63 -7.40 -21.76
N ALA A 458 9.03 -7.10 -20.61
CA ALA A 458 9.68 -7.35 -19.32
C ALA A 458 9.91 -8.85 -19.08
N VAL A 459 8.92 -9.65 -19.45
CA VAL A 459 9.02 -11.09 -19.27
C VAL A 459 10.11 -11.67 -20.17
N GLU A 460 10.15 -11.18 -21.40
CA GLU A 460 11.15 -11.62 -22.36
C GLU A 460 12.55 -11.33 -21.85
N LYS A 461 12.72 -10.17 -21.20
CA LYS A 461 14.01 -9.79 -20.65
C LYS A 461 14.35 -10.59 -19.40
N ILE A 462 13.35 -10.84 -18.56
CA ILE A 462 13.55 -11.63 -17.33
C ILE A 462 14.00 -13.05 -17.67
N ARG A 463 13.39 -13.64 -18.69
CA ARG A 463 13.78 -14.97 -19.16
C ARG A 463 15.23 -14.99 -19.62
N LYS A 464 15.61 -13.98 -20.39
CA LYS A 464 16.96 -13.93 -20.95
C LYS A 464 17.96 -13.72 -19.81
N ALA A 465 17.59 -12.91 -18.84
CA ALA A 465 18.43 -12.60 -17.69
C ALA A 465 18.71 -13.83 -16.84
N LEU A 466 17.70 -14.68 -16.68
CA LEU A 466 17.81 -15.86 -15.81
C LEU A 466 18.50 -17.04 -16.49
N GLU A 467 18.57 -17.01 -17.81
CA GLU A 467 19.21 -18.09 -18.58
C GLU A 467 20.61 -18.49 -18.13
N PRO A 468 21.56 -17.53 -18.01
CA PRO A 468 22.91 -17.94 -17.64
C PRO A 468 23.10 -18.24 -16.15
N LEU A 469 22.04 -18.07 -15.37
CA LEU A 469 22.10 -18.30 -13.94
C LEU A 469 21.66 -19.72 -13.58
N ARG A 470 21.88 -20.09 -12.32
CA ARG A 470 21.63 -21.45 -11.85
C ARG A 470 20.58 -21.45 -10.74
N ALA A 471 19.61 -22.36 -10.84
CA ALA A 471 18.54 -22.42 -9.85
C ALA A 471 18.87 -23.41 -8.72
N THR A 472 18.87 -22.88 -7.50
CA THR A 472 19.25 -23.57 -6.24
C THR A 472 20.66 -24.10 -6.28
#